data_4E7K
#
_entry.id   4E7K
#
_cell.length_a   163.914
_cell.length_b   163.914
_cell.length_c   129.675
_cell.angle_alpha   90.00
_cell.angle_beta   90.00
_cell.angle_gamma   90.00
#
_symmetry.space_group_name_H-M   'P 41 21 2'
#
loop_
_entity.id
_entity.type
_entity.pdbx_description
1 polymer 'Pro-Pol polyprotein'
2 polymer "DNA (5'-D(*AP*TP*TP*GP*TP*CP*AP*TP*GP*GP*AP*AP*TP*TP*TP*CP*GP*CP*A)-3')"
3 polymer "DNA (5'-D(*TP*GP*CP*GP*AP*AP*AP*TP*TP*CP*CP*AP*TP*GP*AP*CP*A)-3')"
4 polymer "DNA (5'-D(*CP*CP*CP*GP*AP*GP*GP*CP*AP*CP*GP*TP*GP*CP*TP*AP*GP*CP*AP*CP*GP*TP*GP*CP*CP*TP*CP*GP*GP*G)-3')"
5 non-polymer 'ZINC ION'
6 non-polymer 'MANGANESE (II) ION'
7 non-polymer 'SULFATE ION'
8 non-polymer 'TRIETHYLENE GLYCOL'
9 water water
#
loop_
_entity_poly.entity_id
_entity_poly.type
_entity_poly.pdbx_seq_one_letter_code
_entity_poly.pdbx_strand_id
1 'polypeptide(L)'
;GPGCNTKKPNLDAELDQLLQGHYIKGYPKQYTYFLEDGKVKVSRPEGVKIIPPQSDRQKIVLQAHNLAHTGREATLLKIA
NLYWWPNMRKDVVKQLGRCQQCLITNASNKASGPILRPDRPQKPFDKFFIDYIGPLPPSQGYLYVLVVVDGMTGFTWLYP
TKAPSTSATVKSLNVLTSIAIPKVIHSDQGAAFTSSTFAEWAKERGIHLEFSTPYHPQSSGKVERKNSDIKRLLTKLLVG
RPTKWYDLLPVVQLALNNTYSPVLKYTPHQLLFGIDSNTPFANQDTLDLTREEELSLLQEIRTSLYHPSTPPASSRSWSP
VVGQLVQERVARPASLRPRWHKPSTVLKVLNPRTVVILDHLGNNRTVSIDNLKPTSHQNGTTNDTATMDHLEKNE
;
A,B
2 'polydeoxyribonucleotide' (DA)(DT)(DT)(DG)(DT)(DC)(DA)(DT)(DG)(DG)(DA)(DA)(DT)(DT)(DT)(DC)(DG)(DC)(DA) C
3 'polydeoxyribonucleotide' (DT)(DG)(DC)(DG)(DA)(DA)(DA)(DT)(DT)(DC)(DC)(DA)(DT)(DG)(DA)(DC)(DA) D
4 'polydeoxyribonucleotide'
;(DC)(DC)(DC)(DG)(DA)(DG)(DG)(DC)(DA)(DC)(DG)(DT)(DG)(DC)(DT)(DA)(DG)(DC)(DA)(DC)
(DG)(DT)(DG)(DC)(DC)(DT)(DC)(DG)(DG)(DG)
;
T
#
loop_
_chem_comp.id
_chem_comp.type
_chem_comp.name
_chem_comp.formula
DA DNA linking 2'-DEOXYADENOSINE-5'-MONOPHOSPHATE 'C10 H14 N5 O6 P'
DC DNA linking 2'-DEOXYCYTIDINE-5'-MONOPHOSPHATE 'C9 H14 N3 O7 P'
DG DNA linking 2'-DEOXYGUANOSINE-5'-MONOPHOSPHATE 'C10 H14 N5 O7 P'
DT DNA linking THYMIDINE-5'-MONOPHOSPHATE 'C10 H15 N2 O8 P'
MN non-polymer 'MANGANESE (II) ION' 'Mn 2'
PGE non-polymer 'TRIETHYLENE GLYCOL' 'C6 H14 O4'
SO4 non-polymer 'SULFATE ION' 'O4 S -2'
ZN non-polymer 'ZINC ION' 'Zn 2'
#
# COMPACT_ATOMS: atom_id res chain seq x y z
N ASP A 12 61.35 -2.32 23.90
CA ASP A 12 61.99 -1.52 24.94
C ASP A 12 62.49 -0.19 24.36
N ALA A 13 61.68 0.46 23.53
CA ALA A 13 62.08 1.70 22.89
C ALA A 13 62.15 2.88 23.87
N GLU A 14 60.98 3.35 24.28
CA GLU A 14 60.86 4.44 25.25
C GLU A 14 60.73 3.86 26.65
N LEU A 15 60.62 2.53 26.71
CA LEU A 15 60.56 1.82 27.98
C LEU A 15 61.88 1.98 28.73
N ASP A 16 62.95 2.25 27.98
CA ASP A 16 64.26 2.48 28.58
C ASP A 16 64.23 3.79 29.35
N GLN A 17 63.59 4.80 28.75
CA GLN A 17 63.52 6.11 29.37
C GLN A 17 62.82 6.03 30.72
N LEU A 18 61.67 5.37 30.74
CA LEU A 18 60.85 5.24 31.94
C LEU A 18 61.59 4.52 33.07
N LEU A 19 62.43 3.54 32.70
CA LEU A 19 63.24 2.80 33.66
C LEU A 19 64.32 3.69 34.27
N GLN A 20 64.73 4.71 33.51
CA GLN A 20 65.71 5.68 33.96
C GLN A 20 65.07 6.77 34.84
N GLY A 21 63.75 6.74 34.93
CA GLY A 21 63.02 7.67 35.77
C GLY A 21 62.50 8.88 35.03
N HIS A 22 62.84 9.03 33.75
CA HIS A 22 62.34 10.13 32.93
C HIS A 22 60.81 10.06 32.83
N TYR A 23 60.18 11.15 32.43
CA TYR A 23 58.72 11.17 32.32
C TYR A 23 58.24 10.97 30.88
N ILE A 24 57.24 10.11 30.69
CA ILE A 24 56.63 9.93 29.37
C ILE A 24 55.11 10.20 29.38
N LYS A 25 54.65 11.14 28.56
CA LYS A 25 53.26 11.60 28.59
C LYS A 25 52.27 10.46 28.52
N GLY A 26 51.54 10.25 29.62
CA GLY A 26 50.52 9.23 29.68
C GLY A 26 50.67 8.33 30.89
N TYR A 27 51.89 7.87 31.13
CA TYR A 27 52.18 6.98 32.25
C TYR A 27 52.44 7.83 33.49
N PRO A 28 51.66 7.62 34.56
CA PRO A 28 51.77 8.42 35.78
C PRO A 28 53.02 8.10 36.61
N LYS A 29 53.51 9.11 37.33
CA LYS A 29 54.84 9.09 37.94
C LYS A 29 54.89 8.58 39.38
N GLN A 30 53.73 8.41 40.00
CA GLN A 30 53.68 8.01 41.41
C GLN A 30 53.79 6.49 41.57
N TYR A 31 54.03 5.82 40.45
CA TYR A 31 54.16 4.36 40.45
C TYR A 31 55.58 3.97 40.08
N THR A 32 56.11 2.94 40.73
CA THR A 32 57.48 2.48 40.41
C THR A 32 57.49 1.37 39.36
N TYR A 33 58.18 1.64 38.25
CA TYR A 33 58.26 0.74 37.13
C TYR A 33 59.65 0.10 37.11
N PHE A 34 59.72 -1.22 36.97
CA PHE A 34 61.00 -1.93 37.02
C PHE A 34 61.25 -2.94 35.89
N LEU A 35 62.25 -3.81 36.10
CA LEU A 35 62.59 -4.85 35.12
C LEU A 35 62.86 -6.18 35.83
N GLU A 36 62.26 -7.24 35.31
CA GLU A 36 62.33 -8.54 35.95
C GLU A 36 61.99 -9.61 34.91
N ASP A 37 62.81 -10.67 34.89
CA ASP A 37 62.63 -11.78 33.95
C ASP A 37 62.64 -11.31 32.49
N GLY A 38 63.29 -10.18 32.24
CA GLY A 38 63.43 -9.65 30.90
C GLY A 38 62.36 -8.65 30.50
N LYS A 39 61.24 -8.66 31.22
CA LYS A 39 60.09 -7.83 30.88
C LYS A 39 59.92 -6.65 31.84
N VAL A 40 59.38 -5.54 31.32
CA VAL A 40 59.19 -4.31 32.08
C VAL A 40 57.80 -4.27 32.72
N LYS A 41 57.77 -4.24 34.05
CA LYS A 41 56.50 -4.35 34.78
C LYS A 41 56.15 -3.04 35.51
N VAL A 42 55.00 -3.03 36.19
CA VAL A 42 54.59 -1.89 37.02
C VAL A 42 53.80 -2.39 38.22
N SER A 43 54.00 -1.75 39.36
CA SER A 43 53.30 -2.12 40.59
C SER A 43 52.03 -1.30 40.78
N ARG A 44 50.89 -1.93 40.54
CA ARG A 44 49.62 -1.23 40.60
C ARG A 44 48.73 -1.84 41.67
N PRO A 45 47.80 -1.04 42.22
CA PRO A 45 46.84 -1.48 43.23
C PRO A 45 46.37 -2.94 43.06
N GLU A 46 45.92 -3.27 41.85
CA GLU A 46 45.40 -4.61 41.60
C GLU A 46 46.47 -5.70 41.79
N GLY A 47 47.70 -5.35 41.42
CA GLY A 47 48.83 -6.26 41.47
C GLY A 47 49.88 -5.80 40.48
N VAL A 48 50.85 -6.64 40.17
CA VAL A 48 51.90 -6.25 39.23
C VAL A 48 51.61 -6.68 37.80
N LYS A 49 51.82 -5.75 36.88
CA LYS A 49 51.41 -5.91 35.49
C LYS A 49 52.58 -5.67 34.54
N ILE A 50 52.56 -6.37 33.41
CA ILE A 50 53.59 -6.24 32.40
C ILE A 50 53.28 -5.05 31.50
N ILE A 51 54.30 -4.29 31.08
CA ILE A 51 54.11 -3.23 30.08
C ILE A 51 54.84 -3.54 28.78
N PRO A 52 54.15 -4.18 27.85
CA PRO A 52 54.78 -4.54 26.58
C PRO A 52 55.01 -3.32 25.71
N PRO A 53 56.08 -3.34 24.91
CA PRO A 53 56.43 -2.32 23.92
C PRO A 53 55.29 -2.07 22.94
N GLN A 54 55.20 -0.86 22.40
CA GLN A 54 54.12 -0.50 21.48
C GLN A 54 54.01 -1.43 20.26
N SER A 55 55.14 -1.95 19.81
CA SER A 55 55.17 -2.87 18.67
C SER A 55 54.41 -4.17 18.93
N ASP A 56 54.44 -4.63 20.19
CA ASP A 56 53.79 -5.88 20.60
C ASP A 56 52.30 -5.70 20.86
N ARG A 57 51.88 -4.46 21.07
CA ARG A 57 50.54 -4.17 21.59
C ARG A 57 49.37 -4.53 20.68
N GLN A 58 49.51 -4.32 19.38
CA GLN A 58 48.44 -4.68 18.44
C GLN A 58 48.21 -6.19 18.45
N LYS A 59 49.31 -6.94 18.46
CA LYS A 59 49.25 -8.39 18.44
C LYS A 59 48.51 -8.93 19.66
N ILE A 60 48.77 -8.35 20.83
CA ILE A 60 48.17 -8.79 22.10
C ILE A 60 46.65 -8.59 22.14
N VAL A 61 46.19 -7.44 21.66
CA VAL A 61 44.76 -7.13 21.65
C VAL A 61 44.01 -8.05 20.70
N LEU A 62 44.68 -8.49 19.64
CA LEU A 62 44.06 -9.41 18.70
C LEU A 62 44.04 -10.84 19.22
N GLN A 63 44.99 -11.17 20.08
CA GLN A 63 45.05 -12.52 20.60
C GLN A 63 43.95 -12.71 21.64
N ALA A 64 43.58 -11.63 22.32
CA ALA A 64 42.61 -11.69 23.40
C ALA A 64 41.18 -11.51 22.89
N HIS A 65 41.06 -10.89 21.72
CA HIS A 65 39.76 -10.74 21.08
C HIS A 65 39.39 -12.07 20.43
N ASN A 66 40.31 -12.62 19.67
CA ASN A 66 40.04 -13.85 18.93
C ASN A 66 39.71 -15.07 19.79
N LEU A 67 39.77 -14.91 21.11
CA LEU A 67 39.40 -15.99 22.01
C LEU A 67 37.95 -16.35 21.80
N ALA A 68 37.09 -15.33 21.81
CA ALA A 68 35.64 -15.52 21.63
C ALA A 68 34.98 -14.42 20.78
N HIS A 69 35.81 -13.59 20.17
CA HIS A 69 35.33 -12.43 19.44
C HIS A 69 34.53 -11.49 20.32
N THR A 70 35.03 -11.32 21.53
CA THR A 70 34.42 -10.50 22.56
C THR A 70 34.49 -9.01 22.21
N GLY A 71 33.53 -8.25 22.72
CA GLY A 71 33.49 -6.84 22.46
C GLY A 71 34.39 -6.06 23.39
N ARG A 72 34.11 -4.76 23.52
CA ARG A 72 34.98 -3.83 24.22
C ARG A 72 35.35 -4.29 25.61
N GLU A 73 34.35 -4.42 26.47
CA GLU A 73 34.61 -4.74 27.87
C GLU A 73 35.14 -6.15 28.11
N ALA A 74 34.62 -7.13 27.38
CA ALA A 74 35.05 -8.50 27.61
C ALA A 74 36.49 -8.67 27.17
N THR A 75 36.88 -7.97 26.11
CA THR A 75 38.26 -8.02 25.63
C THR A 75 39.21 -7.38 26.64
N LEU A 76 38.91 -6.16 27.07
CA LEU A 76 39.76 -5.43 28.00
C LEU A 76 40.08 -6.21 29.27
N LEU A 77 39.07 -6.88 29.80
CA LEU A 77 39.22 -7.66 31.02
C LEU A 77 40.18 -8.85 30.87
N LYS A 78 40.16 -9.49 29.69
CA LYS A 78 41.14 -10.53 29.39
C LYS A 78 42.57 -9.98 29.51
N ILE A 79 42.91 -9.04 28.64
CA ILE A 79 44.22 -8.39 28.62
C ILE A 79 44.62 -7.83 29.98
N ALA A 80 43.64 -7.38 30.75
CA ALA A 80 43.90 -6.79 32.06
C ALA A 80 44.56 -7.78 33.05
N ASN A 81 44.26 -9.06 32.89
CA ASN A 81 44.81 -10.08 33.79
C ASN A 81 46.33 -10.10 33.77
N LEU A 82 46.93 -9.76 32.64
CA LEU A 82 48.37 -9.83 32.50
C LEU A 82 49.04 -8.47 32.29
N TYR A 83 48.42 -7.61 31.48
CA TYR A 83 49.06 -6.37 31.01
C TYR A 83 48.49 -5.07 31.55
N TRP A 84 49.27 -3.99 31.40
CA TRP A 84 48.76 -2.63 31.59
C TRP A 84 49.50 -1.60 30.70
N TRP A 85 48.76 -0.67 30.10
CA TRP A 85 49.33 0.48 29.39
C TRP A 85 48.32 1.64 29.18
N PRO A 86 48.77 2.82 28.73
CA PRO A 86 47.80 3.93 28.69
C PRO A 86 46.76 3.85 27.57
N ASN A 87 45.51 4.15 27.91
CA ASN A 87 44.38 4.04 26.99
C ASN A 87 44.36 2.72 26.23
N MET A 88 44.20 1.63 26.97
CA MET A 88 44.12 0.30 26.38
C MET A 88 42.90 0.16 25.47
N ARG A 89 41.78 0.74 25.91
CA ARG A 89 40.53 0.65 25.18
C ARG A 89 40.63 1.33 23.81
N LYS A 90 41.45 2.38 23.71
CA LYS A 90 41.68 3.05 22.43
C LYS A 90 42.19 2.02 21.41
N ASP A 91 43.04 1.11 21.88
CA ASP A 91 43.61 0.08 21.03
C ASP A 91 42.67 -1.11 20.81
N VAL A 92 41.74 -1.31 21.75
CA VAL A 92 40.78 -2.40 21.64
C VAL A 92 39.72 -2.08 20.60
N VAL A 93 39.13 -0.89 20.68
CA VAL A 93 38.14 -0.47 19.68
C VAL A 93 38.76 -0.29 18.30
N LYS A 94 40.06 -0.01 18.27
CA LYS A 94 40.80 0.08 17.01
C LYS A 94 40.73 -1.26 16.26
N GLN A 95 40.94 -2.36 16.97
CA GLN A 95 40.82 -3.67 16.33
C GLN A 95 39.38 -4.05 16.01
N LEU A 96 38.44 -3.67 16.87
CA LEU A 96 37.03 -4.03 16.69
C LEU A 96 36.40 -3.34 15.48
N GLY A 97 37.00 -2.21 15.09
CA GLY A 97 36.51 -1.46 13.95
C GLY A 97 36.95 -2.09 12.65
N ARG A 98 37.91 -3.01 12.72
CA ARG A 98 38.54 -3.56 11.53
C ARG A 98 38.33 -5.06 11.40
N CYS A 99 38.00 -5.72 12.51
CA CYS A 99 37.79 -7.15 12.51
C CYS A 99 36.49 -7.43 11.74
N GLN A 100 36.63 -7.93 10.52
CA GLN A 100 35.49 -8.03 9.60
C GLN A 100 34.36 -8.92 10.11
N GLN A 101 34.71 -10.04 10.75
CA GLN A 101 33.71 -11.00 11.23
C GLN A 101 32.79 -10.43 12.30
N CYS A 102 33.34 -9.73 13.28
CA CYS A 102 32.50 -9.08 14.28
C CYS A 102 31.52 -8.05 13.70
N LEU A 103 32.01 -7.19 12.79
CA LEU A 103 31.18 -6.13 12.21
C LEU A 103 30.00 -6.66 11.42
N ILE A 104 30.15 -7.86 10.87
CA ILE A 104 29.10 -8.40 10.02
C ILE A 104 28.22 -9.46 10.68
N THR A 105 28.55 -9.89 11.92
CA THR A 105 27.70 -10.86 12.64
C THR A 105 26.97 -10.25 13.85
N ASN A 106 27.66 -9.34 14.53
CA ASN A 106 27.11 -8.66 15.71
C ASN A 106 25.76 -7.94 15.46
N ALA A 107 24.93 -7.86 16.49
CA ALA A 107 23.65 -7.18 16.40
C ALA A 107 23.82 -5.72 16.76
N SER A 108 22.85 -4.88 16.37
CA SER A 108 22.94 -3.46 16.66
C SER A 108 22.24 -3.15 17.96
N ASN A 109 22.64 -2.07 18.62
CA ASN A 109 22.04 -1.68 19.89
C ASN A 109 21.44 -0.28 19.81
N LYS A 110 21.19 0.16 18.58
CA LYS A 110 20.65 1.49 18.29
C LYS A 110 19.32 1.37 17.56
N ALA A 111 18.32 2.13 18.03
CA ALA A 111 16.99 2.07 17.47
C ALA A 111 16.88 2.90 16.20
N SER A 112 15.86 2.65 15.39
CA SER A 112 15.65 3.49 14.23
C SER A 112 14.93 4.75 14.65
N GLY A 113 15.15 5.83 13.91
CA GLY A 113 14.47 7.09 14.17
C GLY A 113 12.97 6.89 14.07
N PRO A 114 12.20 7.83 14.62
CA PRO A 114 10.74 7.70 14.73
C PRO A 114 10.00 7.89 13.40
N ILE A 115 8.99 7.05 13.15
CA ILE A 115 8.22 7.04 11.89
C ILE A 115 7.67 8.38 11.40
N LEU A 116 7.65 8.57 10.08
CA LEU A 116 6.94 9.71 9.49
C LEU A 116 5.52 9.26 9.16
N ARG A 117 4.55 10.11 9.41
CA ARG A 117 3.19 9.82 8.96
C ARG A 117 2.90 10.70 7.75
N PRO A 118 3.02 10.14 6.54
CA PRO A 118 2.81 10.92 5.31
C PRO A 118 1.43 11.59 5.28
N ASP A 119 1.35 12.80 4.72
CA ASP A 119 0.06 13.48 4.65
C ASP A 119 -0.89 12.61 3.83
N ARG A 120 -2.15 12.58 4.24
CA ARG A 120 -3.20 11.84 3.53
C ARG A 120 -3.35 12.37 2.09
N PRO A 121 -3.59 11.48 1.09
CA PRO A 121 -3.92 12.04 -0.22
C PRO A 121 -5.15 12.95 -0.14
N GLN A 122 -5.13 14.04 -0.91
CA GLN A 122 -6.11 15.13 -0.74
C GLN A 122 -7.49 14.84 -1.33
N LYS A 123 -7.51 14.35 -2.57
CA LYS A 123 -8.77 14.03 -3.22
C LYS A 123 -8.82 12.54 -3.57
N PRO A 124 -10.02 11.92 -3.53
CA PRO A 124 -10.16 10.54 -4.02
C PRO A 124 -9.55 10.35 -5.41
N PHE A 125 -8.94 9.19 -5.63
CA PHE A 125 -8.27 8.83 -6.90
C PHE A 125 -6.89 9.48 -7.13
N ASP A 126 -6.33 10.13 -6.13
CA ASP A 126 -4.94 10.58 -6.24
C ASP A 126 -3.99 9.39 -6.12
N LYS A 127 -4.18 8.58 -5.07
CA LYS A 127 -3.28 7.45 -4.86
C LYS A 127 -4.04 6.14 -4.61
N PHE A 128 -3.70 5.11 -5.38
CA PHE A 128 -4.18 3.76 -5.12
C PHE A 128 -3.10 2.93 -4.42
N PHE A 129 -3.43 2.22 -3.35
CA PHE A 129 -2.48 1.30 -2.73
C PHE A 129 -2.91 -0.13 -3.01
N ILE A 130 -2.03 -0.93 -3.61
CA ILE A 130 -2.40 -2.33 -3.88
C ILE A 130 -1.49 -3.39 -3.26
N ASP A 131 -2.01 -4.62 -3.18
CA ASP A 131 -1.30 -5.72 -2.56
C ASP A 131 -2.04 -7.06 -2.68
N TYR A 132 -1.31 -8.16 -2.68
CA TYR A 132 -1.94 -9.49 -2.72
C TYR A 132 -2.12 -10.20 -1.37
N ILE A 133 -3.20 -10.97 -1.27
CA ILE A 133 -3.48 -11.78 -0.10
C ILE A 133 -3.46 -13.27 -0.45
N GLY A 134 -2.65 -14.04 0.28
CA GLY A 134 -2.67 -15.49 0.13
C GLY A 134 -1.34 -16.09 -0.28
N PRO A 135 -1.35 -17.38 -0.68
CA PRO A 135 -2.45 -18.30 -0.99
C PRO A 135 -3.36 -18.72 0.16
N LEU A 136 -4.65 -18.82 -0.15
CA LEU A 136 -5.68 -19.17 0.81
C LEU A 136 -6.18 -20.60 0.55
N PRO A 137 -6.99 -21.14 1.48
CA PRO A 137 -7.72 -22.38 1.18
C PRO A 137 -8.44 -22.22 -0.15
N PRO A 138 -8.26 -23.16 -1.10
CA PRO A 138 -8.95 -23.06 -2.38
C PRO A 138 -10.47 -22.99 -2.23
N SER A 139 -11.03 -21.99 -2.88
CA SER A 139 -12.46 -21.85 -2.96
C SER A 139 -12.74 -21.64 -4.42
N GLN A 140 -13.66 -22.41 -4.98
CA GLN A 140 -14.05 -22.31 -6.40
C GLN A 140 -12.86 -22.31 -7.36
N GLY A 141 -11.75 -22.93 -6.96
CA GLY A 141 -10.54 -22.89 -7.76
C GLY A 141 -9.79 -21.57 -7.68
N TYR A 142 -10.16 -20.70 -6.74
CA TYR A 142 -9.50 -19.40 -6.59
C TYR A 142 -8.62 -19.38 -5.33
N LEU A 143 -7.46 -18.74 -5.43
CA LEU A 143 -6.39 -18.88 -4.43
C LEU A 143 -5.92 -17.56 -3.82
N TYR A 144 -5.92 -16.51 -4.63
CA TYR A 144 -5.41 -15.25 -4.15
C TYR A 144 -6.50 -14.21 -4.23
N VAL A 145 -6.29 -13.08 -3.60
CA VAL A 145 -7.20 -11.97 -3.69
C VAL A 145 -6.40 -10.67 -3.86
N LEU A 146 -6.59 -10.02 -5.01
CA LEU A 146 -6.01 -8.71 -5.26
C LEU A 146 -6.86 -7.67 -4.57
N VAL A 147 -6.21 -6.84 -3.77
CA VAL A 147 -6.86 -5.85 -2.92
C VAL A 147 -6.41 -4.45 -3.28
N VAL A 148 -7.37 -3.56 -3.54
CA VAL A 148 -7.05 -2.21 -4.01
C VAL A 148 -7.70 -1.16 -3.14
N VAL A 149 -6.89 -0.37 -2.46
CA VAL A 149 -7.37 0.62 -1.50
C VAL A 149 -7.11 2.02 -2.02
N ASP A 150 -8.11 2.89 -1.97
CA ASP A 150 -7.93 4.28 -2.34
C ASP A 150 -7.50 5.08 -1.12
N GLY A 151 -6.42 5.84 -1.25
CA GLY A 151 -5.85 6.56 -0.14
C GLY A 151 -6.78 7.46 0.65
N MET A 152 -7.37 8.45 -0.01
CA MET A 152 -8.20 9.44 0.66
C MET A 152 -9.40 8.83 1.38
N THR A 153 -10.23 8.07 0.67
CA THR A 153 -11.44 7.46 1.24
C THR A 153 -11.16 6.26 2.12
N GLY A 154 -10.32 5.36 1.62
CA GLY A 154 -10.11 4.08 2.26
C GLY A 154 -10.99 3.07 1.57
N PHE A 155 -11.75 3.54 0.59
CA PHE A 155 -12.65 2.68 -0.19
C PHE A 155 -11.81 1.55 -0.83
N THR A 156 -12.41 0.38 -0.98
CA THR A 156 -11.65 -0.82 -1.33
C THR A 156 -12.39 -1.76 -2.26
N TRP A 157 -11.67 -2.25 -3.28
CA TRP A 157 -12.24 -3.22 -4.20
C TRP A 157 -11.50 -4.53 -4.01
N LEU A 158 -12.21 -5.66 -4.11
CA LEU A 158 -11.61 -6.99 -3.95
C LEU A 158 -11.82 -7.85 -5.20
N TYR A 159 -10.76 -8.50 -5.66
CA TYR A 159 -10.86 -9.32 -6.86
C TYR A 159 -10.23 -10.66 -6.61
N PRO A 160 -10.94 -11.75 -6.94
CA PRO A 160 -10.43 -13.12 -6.82
C PRO A 160 -9.62 -13.58 -8.03
N THR A 161 -8.36 -13.96 -7.81
CA THR A 161 -7.52 -14.39 -8.91
C THR A 161 -7.02 -15.81 -8.63
N LYS A 162 -6.63 -16.52 -9.69
CA LYS A 162 -6.09 -17.87 -9.55
C LYS A 162 -4.58 -17.86 -9.32
N ALA A 163 -3.94 -16.71 -9.55
CA ALA A 163 -2.53 -16.53 -9.20
C ALA A 163 -2.22 -15.03 -9.02
N PRO A 164 -1.09 -14.68 -8.40
CA PRO A 164 -0.85 -13.26 -8.21
C PRO A 164 0.04 -12.77 -9.32
N SER A 165 -0.43 -12.94 -10.55
CA SER A 165 0.33 -12.60 -11.74
C SER A 165 -0.02 -11.21 -12.28
N THR A 166 0.82 -10.71 -13.19
CA THR A 166 0.55 -9.43 -13.84
C THR A 166 -0.70 -9.57 -14.69
N SER A 167 -0.78 -10.68 -15.41
CA SER A 167 -1.96 -11.04 -16.18
C SER A 167 -3.26 -10.85 -15.39
N ALA A 168 -3.34 -11.42 -14.20
CA ALA A 168 -4.57 -11.33 -13.42
C ALA A 168 -4.75 -9.94 -12.84
N THR A 169 -3.63 -9.23 -12.66
CA THR A 169 -3.68 -7.90 -12.07
C THR A 169 -4.13 -6.91 -13.13
N VAL A 170 -3.76 -7.19 -14.37
CA VAL A 170 -4.23 -6.41 -15.48
C VAL A 170 -5.75 -6.47 -15.52
N LYS A 171 -6.28 -7.67 -15.63
CA LYS A 171 -7.70 -7.86 -15.86
C LYS A 171 -8.57 -7.26 -14.77
N SER A 172 -8.08 -7.21 -13.54
CA SER A 172 -8.88 -6.64 -12.46
C SER A 172 -8.94 -5.11 -12.50
N LEU A 173 -7.78 -4.48 -12.67
CA LEU A 173 -7.71 -3.02 -12.71
C LEU A 173 -8.44 -2.45 -13.93
N ASN A 174 -8.58 -3.27 -14.98
CA ASN A 174 -9.33 -2.87 -16.16
C ASN A 174 -10.80 -2.68 -15.85
N VAL A 175 -11.35 -3.57 -15.05
CA VAL A 175 -12.74 -3.46 -14.64
C VAL A 175 -12.89 -2.34 -13.62
N LEU A 176 -11.85 -2.12 -12.84
CA LEU A 176 -11.91 -1.06 -11.86
C LEU A 176 -11.86 0.30 -12.54
N THR A 177 -10.89 0.46 -13.44
CA THR A 177 -10.61 1.77 -14.01
C THR A 177 -11.72 2.35 -14.90
N SER A 178 -12.73 1.54 -15.23
CA SER A 178 -13.90 2.03 -15.97
C SER A 178 -14.61 3.12 -15.19
N ILE A 179 -14.63 3.01 -13.87
CA ILE A 179 -15.22 4.03 -12.99
C ILE A 179 -14.41 5.32 -12.98
N ALA A 180 -13.10 5.19 -12.83
CA ALA A 180 -12.23 6.34 -12.80
C ALA A 180 -10.80 5.85 -12.96
N ILE A 181 -9.91 6.77 -13.30
CA ILE A 181 -8.50 6.44 -13.44
C ILE A 181 -7.74 7.29 -12.41
N PRO A 182 -6.87 6.64 -11.60
CA PRO A 182 -6.10 7.20 -10.50
C PRO A 182 -4.85 7.92 -10.98
N LYS A 183 -4.26 8.81 -10.19
CA LYS A 183 -2.99 9.43 -10.61
C LYS A 183 -1.82 8.49 -10.39
N VAL A 184 -1.62 8.07 -9.14
CA VAL A 184 -0.55 7.14 -8.76
C VAL A 184 -1.10 5.79 -8.31
N ILE A 185 -0.44 4.71 -8.73
CA ILE A 185 -0.61 3.40 -8.11
C ILE A 185 0.63 2.96 -7.31
N HIS A 186 0.47 2.72 -6.00
CA HIS A 186 1.58 2.35 -5.09
C HIS A 186 1.50 0.88 -4.68
N SER A 187 2.57 0.15 -4.97
CA SER A 187 2.62 -1.27 -4.68
C SER A 187 3.93 -1.55 -3.94
N ASP A 188 4.10 -2.79 -3.45
CA ASP A 188 5.42 -3.25 -3.00
C ASP A 188 6.15 -3.88 -4.19
N GLN A 189 7.43 -4.22 -4.00
CA GLN A 189 8.21 -4.62 -5.16
C GLN A 189 7.94 -6.05 -5.59
N GLY A 190 6.74 -6.55 -5.28
CA GLY A 190 6.32 -7.88 -5.71
C GLY A 190 6.46 -8.09 -7.22
N ALA A 191 6.80 -9.29 -7.64
CA ALA A 191 7.14 -9.57 -9.04
C ALA A 191 6.03 -9.32 -10.06
N ALA A 192 4.77 -9.44 -9.69
CA ALA A 192 3.69 -9.15 -10.64
C ALA A 192 3.58 -7.65 -10.89
N PHE A 193 3.97 -6.86 -9.88
CA PHE A 193 3.85 -5.41 -9.94
C PHE A 193 5.09 -4.69 -10.48
N THR A 194 6.19 -5.42 -10.69
CA THR A 194 7.38 -4.78 -11.21
C THR A 194 7.70 -5.23 -12.63
N SER A 195 6.90 -6.15 -13.14
CA SER A 195 7.05 -6.66 -14.50
C SER A 195 7.07 -5.52 -15.50
N SER A 196 7.66 -5.78 -16.67
CA SER A 196 7.68 -4.78 -17.73
C SER A 196 6.27 -4.61 -18.27
N THR A 197 5.56 -5.72 -18.43
CA THR A 197 4.21 -5.68 -18.96
C THR A 197 3.32 -4.80 -18.11
N PHE A 198 3.50 -4.84 -16.80
CA PHE A 198 2.66 -4.01 -15.93
C PHE A 198 3.02 -2.52 -16.03
N ALA A 199 4.30 -2.20 -16.19
CA ALA A 199 4.70 -0.80 -16.30
C ALA A 199 4.17 -0.21 -17.62
N GLU A 200 4.19 -1.04 -18.67
CA GLU A 200 3.72 -0.65 -19.99
C GLU A 200 2.20 -0.45 -19.98
N TRP A 201 1.54 -1.15 -19.07
CA TRP A 201 0.11 -0.96 -18.84
C TRP A 201 -0.15 0.39 -18.13
N ALA A 202 0.70 0.76 -17.18
CA ALA A 202 0.52 2.01 -16.46
C ALA A 202 0.79 3.18 -17.38
N LYS A 203 1.73 2.99 -18.29
CA LYS A 203 2.15 4.05 -19.20
C LYS A 203 1.01 4.44 -20.15
N GLU A 204 0.33 3.43 -20.69
CA GLU A 204 -0.76 3.61 -21.63
C GLU A 204 -1.87 4.46 -21.04
N ARG A 205 -2.06 4.37 -19.72
CA ARG A 205 -3.18 5.08 -19.09
C ARG A 205 -2.76 6.37 -18.41
N GLY A 206 -1.46 6.65 -18.42
CA GLY A 206 -0.96 7.90 -17.89
C GLY A 206 -0.81 7.91 -16.39
N ILE A 207 -0.90 6.73 -15.77
CA ILE A 207 -0.68 6.56 -14.34
C ILE A 207 0.81 6.42 -14.03
N HIS A 208 1.25 7.10 -12.98
CA HIS A 208 2.61 6.95 -12.47
C HIS A 208 2.70 5.78 -11.46
N LEU A 209 3.70 4.90 -11.65
CA LEU A 209 3.97 3.81 -10.70
C LEU A 209 4.98 4.16 -9.58
N GLU A 210 4.66 3.79 -8.34
CA GLU A 210 5.49 4.12 -7.19
C GLU A 210 5.72 2.87 -6.33
N PHE A 211 6.95 2.66 -5.88
CA PHE A 211 7.31 1.40 -5.24
C PHE A 211 7.88 1.57 -3.83
N SER A 212 7.39 0.73 -2.91
CA SER A 212 7.94 0.67 -1.57
C SER A 212 9.38 0.18 -1.64
N THR A 213 10.15 0.55 -0.61
CA THR A 213 11.50 0.04 -0.39
C THR A 213 11.34 -1.40 -0.01
N PRO A 214 12.27 -2.27 -0.45
CA PRO A 214 12.08 -3.72 -0.30
C PRO A 214 12.22 -4.25 1.14
N TYR A 215 11.50 -5.33 1.45
CA TYR A 215 11.50 -5.94 2.77
C TYR A 215 11.06 -4.90 3.81
N HIS A 216 9.90 -4.32 3.60
CA HIS A 216 9.42 -3.24 4.45
C HIS A 216 7.94 -3.06 4.11
N PRO A 217 7.08 -3.91 4.69
CA PRO A 217 5.63 -3.82 4.46
C PRO A 217 4.97 -2.60 5.07
N GLN A 218 5.56 -1.97 6.08
CA GLN A 218 4.99 -0.78 6.73
C GLN A 218 4.56 0.22 5.69
N SER A 219 5.36 0.33 4.64
CA SER A 219 5.21 1.35 3.61
C SER A 219 3.88 1.19 2.90
N SER A 220 3.50 -0.05 2.63
CA SER A 220 2.17 -0.35 2.11
C SER A 220 1.15 -0.51 3.23
N GLY A 221 1.41 0.14 4.37
CA GLY A 221 0.63 -0.05 5.59
C GLY A 221 -0.86 0.16 5.45
N LYS A 222 -1.25 1.05 4.53
CA LYS A 222 -2.66 1.31 4.26
C LYS A 222 -3.37 0.08 3.71
N VAL A 223 -2.77 -0.60 2.75
CA VAL A 223 -3.43 -1.76 2.20
C VAL A 223 -3.19 -2.95 3.12
N GLU A 224 -1.99 -3.07 3.68
CA GLU A 224 -1.72 -4.15 4.59
C GLU A 224 -2.69 -4.10 5.78
N ARG A 225 -2.99 -2.90 6.28
CA ARG A 225 -3.92 -2.77 7.41
C ARG A 225 -5.32 -3.19 7.03
N LYS A 226 -5.66 -2.96 5.76
CA LYS A 226 -7.00 -3.27 5.28
C LYS A 226 -7.14 -4.79 5.08
N ASN A 227 -6.04 -5.47 4.72
CA ASN A 227 -6.00 -6.93 4.72
C ASN A 227 -6.41 -7.54 6.07
N SER A 228 -6.07 -6.87 7.17
CA SER A 228 -6.43 -7.40 8.48
C SER A 228 -7.95 -7.38 8.64
N ASP A 229 -8.53 -6.20 8.38
CA ASP A 229 -9.98 -6.04 8.47
C ASP A 229 -10.70 -7.04 7.58
N ILE A 230 -10.09 -7.37 6.45
CA ILE A 230 -10.67 -8.32 5.52
C ILE A 230 -10.61 -9.75 6.04
N LYS A 231 -9.49 -10.14 6.64
CA LYS A 231 -9.37 -11.49 7.21
C LYS A 231 -10.21 -11.68 8.46
N ARG A 232 -10.25 -10.65 9.29
CA ARG A 232 -11.04 -10.68 10.51
C ARG A 232 -12.48 -10.99 10.18
N LEU A 233 -13.11 -10.18 9.33
CA LEU A 233 -14.52 -10.38 9.03
C LEU A 233 -14.76 -11.69 8.27
N LEU A 234 -13.86 -12.02 7.35
CA LEU A 234 -13.97 -13.29 6.65
C LEU A 234 -14.02 -14.42 7.65
N THR A 235 -13.05 -14.41 8.56
CA THR A 235 -12.98 -15.41 9.64
C THR A 235 -14.29 -15.51 10.44
N LYS A 236 -14.77 -14.37 10.92
CA LYS A 236 -15.93 -14.39 11.78
C LYS A 236 -17.10 -15.03 11.06
N LEU A 237 -17.17 -14.79 9.74
CA LEU A 237 -18.31 -15.27 8.96
C LEU A 237 -18.18 -16.74 8.55
N LEU A 238 -17.01 -17.34 8.78
CA LEU A 238 -16.81 -18.74 8.42
C LEU A 238 -16.62 -19.63 9.63
N VAL A 239 -16.89 -19.09 10.83
CA VAL A 239 -16.78 -19.87 12.06
C VAL A 239 -17.68 -21.08 11.99
N GLY A 240 -17.12 -22.25 12.29
CA GLY A 240 -17.87 -23.50 12.34
C GLY A 240 -18.45 -23.93 11.00
N ARG A 241 -17.71 -23.70 9.94
CA ARG A 241 -18.21 -23.95 8.60
C ARG A 241 -16.99 -24.06 7.72
N PRO A 242 -17.06 -24.89 6.67
CA PRO A 242 -15.95 -24.98 5.71
C PRO A 242 -15.55 -23.61 5.12
N THR A 243 -14.25 -23.41 4.93
CA THR A 243 -13.70 -22.11 4.56
C THR A 243 -13.87 -21.75 3.09
N LYS A 244 -15.10 -21.58 2.61
CA LYS A 244 -15.35 -21.22 1.20
C LYS A 244 -15.61 -19.72 0.98
N TRP A 245 -14.54 -18.97 0.75
CA TRP A 245 -14.56 -17.52 0.84
C TRP A 245 -15.08 -16.83 -0.41
N TYR A 246 -14.91 -17.46 -1.55
CA TYR A 246 -15.19 -16.84 -2.85
C TYR A 246 -16.47 -16.03 -2.86
N ASP A 247 -17.57 -16.68 -2.50
CA ASP A 247 -18.88 -16.03 -2.53
C ASP A 247 -19.09 -15.02 -1.41
N LEU A 248 -18.11 -14.84 -0.54
CA LEU A 248 -18.21 -13.85 0.54
C LEU A 248 -17.47 -12.55 0.24
N LEU A 249 -16.58 -12.58 -0.76
CA LEU A 249 -15.84 -11.39 -1.12
C LEU A 249 -16.73 -10.15 -1.39
N PRO A 250 -17.78 -10.28 -2.21
CA PRO A 250 -18.63 -9.11 -2.45
C PRO A 250 -19.36 -8.64 -1.20
N VAL A 251 -19.67 -9.55 -0.27
CA VAL A 251 -20.32 -9.16 0.97
C VAL A 251 -19.37 -8.38 1.90
N VAL A 252 -18.11 -8.81 1.92
CA VAL A 252 -17.08 -8.17 2.73
C VAL A 252 -16.69 -6.81 2.17
N GLN A 253 -16.64 -6.70 0.85
CA GLN A 253 -16.32 -5.44 0.17
C GLN A 253 -17.32 -4.39 0.58
N LEU A 254 -18.58 -4.80 0.68
CA LEU A 254 -19.65 -3.86 0.95
C LEU A 254 -19.69 -3.43 2.41
N ALA A 255 -19.61 -4.40 3.31
CA ALA A 255 -19.67 -4.11 4.74
C ALA A 255 -18.55 -3.19 5.22
N LEU A 256 -17.32 -3.48 4.79
CA LEU A 256 -16.20 -2.64 5.15
C LEU A 256 -16.32 -1.24 4.55
N ASN A 257 -16.75 -1.17 3.28
CA ASN A 257 -16.87 0.12 2.62
C ASN A 257 -17.85 1.04 3.30
N ASN A 258 -18.81 0.46 4.01
CA ASN A 258 -19.76 1.25 4.79
C ASN A 258 -19.67 1.17 6.33
N THR A 259 -18.46 1.14 6.88
CA THR A 259 -18.26 0.95 8.32
C THR A 259 -17.43 2.07 8.95
N TYR A 260 -17.93 2.63 10.06
CA TYR A 260 -17.35 3.84 10.64
C TYR A 260 -15.88 3.69 11.11
N SER A 261 -15.02 4.61 10.67
CA SER A 261 -13.73 4.79 11.34
C SER A 261 -14.03 5.71 12.51
N PRO A 262 -13.92 5.18 13.73
CA PRO A 262 -14.37 5.93 14.91
C PRO A 262 -13.71 7.31 15.12
N VAL A 263 -12.46 7.46 14.71
CA VAL A 263 -11.75 8.73 14.87
C VAL A 263 -12.00 9.65 13.68
N LEU A 264 -12.64 9.14 12.63
CA LEU A 264 -13.03 10.01 11.52
C LEU A 264 -14.50 10.42 11.61
N LYS A 265 -15.31 9.58 12.23
CA LYS A 265 -16.77 9.74 12.24
C LYS A 265 -17.40 9.51 10.87
N TYR A 266 -16.67 8.91 9.94
CA TYR A 266 -17.19 8.64 8.60
C TYR A 266 -16.86 7.25 8.07
N THR A 267 -17.63 6.83 7.07
CA THR A 267 -17.40 5.56 6.40
C THR A 267 -16.73 5.86 5.08
N PRO A 268 -16.10 4.86 4.48
CA PRO A 268 -15.43 5.14 3.21
C PRO A 268 -16.43 5.48 2.13
N HIS A 269 -17.61 4.88 2.18
CA HIS A 269 -18.65 5.20 1.21
C HIS A 269 -18.95 6.68 1.30
N GLN A 270 -19.04 7.17 2.52
CA GLN A 270 -19.37 8.55 2.76
C GLN A 270 -18.30 9.53 2.24
N LEU A 271 -17.02 9.27 2.48
CA LEU A 271 -15.93 10.07 1.93
C LEU A 271 -15.71 9.92 0.40
N LEU A 272 -16.40 8.97 -0.24
CA LEU A 272 -16.29 8.89 -1.68
C LEU A 272 -17.46 9.59 -2.38
N PHE A 273 -18.67 9.44 -1.84
CA PHE A 273 -19.87 9.94 -2.53
C PHE A 273 -20.61 11.03 -1.78
N GLY A 274 -20.30 11.23 -0.51
CA GLY A 274 -20.97 12.23 0.30
C GLY A 274 -22.39 11.89 0.75
N ILE A 275 -22.92 10.76 0.31
CA ILE A 275 -24.25 10.31 0.72
C ILE A 275 -24.36 8.80 0.75
N ASP A 276 -25.15 8.26 1.68
CA ASP A 276 -25.30 6.82 1.83
C ASP A 276 -26.21 6.28 0.76
N SER A 277 -25.92 5.11 0.19
CA SER A 277 -26.88 4.48 -0.72
C SER A 277 -27.93 3.65 0.04
N ASN A 278 -28.58 2.74 -0.65
CA ASN A 278 -29.66 1.97 -0.04
C ASN A 278 -29.13 0.76 0.71
N THR A 279 -28.24 1.04 1.66
CA THR A 279 -27.66 0.03 2.53
C THR A 279 -28.32 0.22 3.88
N PRO A 280 -28.30 -0.81 4.74
CA PRO A 280 -28.91 -0.71 6.07
C PRO A 280 -28.38 0.44 6.94
N PHE A 281 -29.25 0.97 7.79
CA PHE A 281 -28.91 2.04 8.75
C PHE A 281 -28.24 3.25 8.11
N ALA A 282 -28.91 3.81 7.11
CA ALA A 282 -28.33 4.84 6.26
C ALA A 282 -28.46 6.20 6.90
N ASN A 283 -27.42 7.02 6.74
CA ASN A 283 -27.45 8.40 7.19
C ASN A 283 -28.30 9.26 6.26
N GLN A 284 -29.23 10.00 6.85
CA GLN A 284 -30.14 10.80 6.08
C GLN A 284 -29.87 12.27 6.32
N ASP A 285 -29.11 12.55 7.37
CA ASP A 285 -28.89 13.91 7.89
C ASP A 285 -28.85 15.07 6.88
N THR A 286 -28.38 14.83 5.66
CA THR A 286 -28.32 15.89 4.65
C THR A 286 -29.50 15.81 3.70
N LEU A 287 -30.69 15.57 4.24
CA LEU A 287 -31.83 15.22 3.42
C LEU A 287 -32.38 16.37 2.61
N ASP A 288 -32.48 17.54 3.23
CA ASP A 288 -33.19 18.65 2.61
C ASP A 288 -32.29 19.52 1.74
N LEU A 289 -31.01 19.19 1.72
CA LEU A 289 -30.04 19.92 0.90
C LEU A 289 -30.10 19.45 -0.53
N THR A 290 -29.83 20.36 -1.46
CA THR A 290 -29.62 19.97 -2.82
C THR A 290 -28.33 19.19 -2.89
N ARG A 291 -28.05 18.61 -4.05
CA ARG A 291 -26.83 17.87 -4.26
C ARG A 291 -25.65 18.82 -4.06
N GLU A 292 -25.81 20.03 -4.57
CA GLU A 292 -24.73 21.00 -4.60
C GLU A 292 -24.34 21.45 -3.20
N GLU A 293 -25.30 21.44 -2.29
CA GLU A 293 -25.02 21.79 -0.91
C GLU A 293 -24.34 20.64 -0.17
N GLU A 294 -24.66 19.42 -0.58
CA GLU A 294 -23.93 18.25 -0.13
C GLU A 294 -22.50 18.27 -0.63
N LEU A 295 -22.30 18.20 -1.95
CA LEU A 295 -20.96 18.23 -2.56
C LEU A 295 -19.99 19.33 -2.08
N SER A 296 -20.54 20.43 -1.56
CA SER A 296 -19.69 21.50 -1.07
C SER A 296 -19.32 21.17 0.36
N LEU A 297 -20.25 20.52 1.07
CA LEU A 297 -20.00 20.04 2.43
C LEU A 297 -18.92 18.96 2.43
N LEU A 298 -18.99 18.05 1.47
CA LEU A 298 -18.04 16.93 1.35
C LEU A 298 -16.59 17.41 1.28
N GLN A 299 -16.39 18.56 0.65
CA GLN A 299 -15.07 19.14 0.50
C GLN A 299 -14.64 19.83 1.78
N GLU A 300 -15.61 20.25 2.58
CA GLU A 300 -15.28 20.89 3.85
C GLU A 300 -14.73 19.81 4.80
N ILE A 301 -15.45 18.69 4.86
CA ILE A 301 -15.05 17.51 5.63
C ILE A 301 -13.70 16.93 5.17
N ARG A 302 -13.58 16.61 3.87
CA ARG A 302 -12.34 16.09 3.25
C ARG A 302 -11.04 16.84 3.53
N THR A 303 -11.12 18.12 3.88
CA THR A 303 -9.92 18.88 4.18
C THR A 303 -9.69 19.00 5.68
N SER A 304 -10.75 18.70 6.44
CA SER A 304 -10.70 18.77 7.89
C SER A 304 -10.82 17.38 8.55
N LEU A 305 -10.02 16.43 8.11
CA LEU A 305 -9.99 15.13 8.74
C LEU A 305 -8.87 15.09 9.77
N TYR A 306 -8.90 14.06 10.62
CA TYR A 306 -7.85 13.85 11.59
C TYR A 306 -6.56 13.39 10.93
N HIS A 307 -5.44 13.90 11.40
CA HIS A 307 -4.14 13.38 10.96
C HIS A 307 -3.14 13.40 12.12
N PRO A 308 -2.44 12.27 12.34
CA PRO A 308 -1.57 12.09 13.51
C PRO A 308 -0.19 12.69 13.32
N SER A 309 0.49 13.00 14.43
CA SER A 309 1.82 13.56 14.32
C SER A 309 2.84 12.49 14.68
N THR A 310 4.01 12.56 14.04
CA THR A 310 5.10 11.65 14.29
C THR A 310 5.45 11.58 15.78
N PRO A 311 5.65 10.36 16.31
CA PRO A 311 5.97 10.03 17.71
C PRO A 311 7.38 10.46 18.18
N PRO A 312 7.57 10.60 19.49
CA PRO A 312 8.87 11.09 19.97
C PRO A 312 9.93 10.03 19.83
N ALA A 313 11.15 10.44 19.51
CA ALA A 313 12.24 9.50 19.26
C ALA A 313 12.56 8.62 20.47
N SER A 314 13.27 7.52 20.22
CA SER A 314 13.81 6.70 21.29
C SER A 314 15.08 7.36 21.85
N SER A 315 15.35 7.17 23.13
CA SER A 315 16.51 7.79 23.76
C SER A 315 17.84 7.33 23.17
N ARG A 316 17.77 6.25 22.37
CA ARG A 316 18.97 5.73 21.71
C ARG A 316 18.72 5.35 20.24
N SER A 317 18.09 6.26 19.52
CA SER A 317 17.91 6.12 18.09
C SER A 317 19.10 6.70 17.33
N TRP A 318 19.11 6.48 16.02
CA TRP A 318 20.10 7.08 15.15
C TRP A 318 19.36 7.60 13.93
N SER A 319 19.87 8.66 13.30
CA SER A 319 19.31 9.14 12.04
C SER A 319 20.42 9.41 11.00
N PRO A 320 20.16 9.05 9.74
CA PRO A 320 21.24 8.88 8.77
C PRO A 320 21.83 10.20 8.24
N VAL A 321 23.02 10.12 7.64
CA VAL A 321 23.77 11.27 7.12
C VAL A 321 24.55 10.84 5.87
N VAL A 322 24.71 11.75 4.91
CA VAL A 322 25.56 11.49 3.75
C VAL A 322 26.99 11.14 4.16
N GLY A 323 27.56 10.10 3.56
CA GLY A 323 28.94 9.72 3.80
C GLY A 323 29.18 8.92 5.08
N GLN A 324 28.11 8.48 5.71
CA GLN A 324 28.19 7.68 6.93
C GLN A 324 28.36 6.21 6.53
N LEU A 325 28.97 5.42 7.40
CA LEU A 325 29.12 4.00 7.14
C LEU A 325 27.95 3.20 7.72
N VAL A 326 27.24 2.48 6.86
CA VAL A 326 26.07 1.68 7.26
C VAL A 326 26.09 0.29 6.61
N GLN A 327 25.32 -0.64 7.17
CA GLN A 327 25.30 -1.98 6.64
C GLN A 327 23.89 -2.49 6.46
N GLU A 328 23.66 -3.17 5.34
CA GLU A 328 22.33 -3.64 4.97
C GLU A 328 22.02 -5.01 5.55
N ARG A 329 20.80 -5.19 6.01
CA ARG A 329 20.36 -6.48 6.51
C ARG A 329 20.26 -7.48 5.37
N VAL A 330 21.08 -8.53 5.44
CA VAL A 330 21.02 -9.65 4.51
C VAL A 330 19.59 -10.18 4.45
N ALA A 331 19.04 -10.17 3.23
CA ALA A 331 17.64 -10.49 3.00
C ALA A 331 17.20 -11.87 3.50
N ARG A 332 17.96 -12.90 3.10
CA ARG A 332 17.61 -14.28 3.43
C ARG A 332 18.86 -15.15 3.73
N PRO A 333 19.49 -14.93 4.89
CA PRO A 333 20.75 -15.61 5.21
C PRO A 333 20.48 -17.05 5.55
N ALA A 334 21.38 -17.93 5.12
CA ALA A 334 21.30 -19.35 5.46
C ALA A 334 21.75 -19.53 6.91
N SER A 335 21.54 -20.71 7.47
CA SER A 335 21.92 -20.90 8.87
C SER A 335 23.43 -20.82 9.08
N LEU A 336 23.81 -20.32 10.26
CA LEU A 336 25.21 -20.03 10.66
C LEU A 336 25.95 -19.05 9.72
N ARG A 337 25.17 -18.31 8.93
CA ARG A 337 25.71 -17.27 8.07
C ARG A 337 25.38 -15.89 8.65
N PRO A 338 26.25 -14.90 8.38
CA PRO A 338 26.07 -13.57 8.96
C PRO A 338 24.79 -12.87 8.49
N ARG A 339 24.16 -12.11 9.40
CA ARG A 339 22.92 -11.40 9.11
C ARG A 339 23.13 -9.98 8.52
N TRP A 340 24.38 -9.52 8.44
CA TRP A 340 24.65 -8.20 7.90
C TRP A 340 25.65 -8.19 6.71
N HIS A 341 25.35 -7.39 5.67
CA HIS A 341 26.26 -7.21 4.53
C HIS A 341 27.49 -6.40 4.95
N LYS A 342 28.53 -6.42 4.10
CA LYS A 342 29.72 -5.60 4.33
C LYS A 342 29.30 -4.13 4.42
N PRO A 343 30.10 -3.29 5.09
CA PRO A 343 29.78 -1.86 5.19
C PRO A 343 29.64 -1.15 3.83
N SER A 344 28.79 -0.13 3.75
CA SER A 344 28.65 0.69 2.54
C SER A 344 28.47 2.16 2.89
N THR A 345 28.55 3.05 1.90
CA THR A 345 28.41 4.49 2.17
C THR A 345 27.09 5.08 1.72
N VAL A 346 26.51 5.91 2.58
CA VAL A 346 25.29 6.61 2.26
C VAL A 346 25.55 7.72 1.22
N LEU A 347 24.87 7.61 0.09
CA LEU A 347 24.98 8.61 -0.97
C LEU A 347 23.99 9.77 -0.78
N LYS A 348 22.70 9.46 -0.72
CA LYS A 348 21.66 10.47 -0.58
C LYS A 348 20.64 10.15 0.53
N VAL A 349 20.27 11.17 1.31
CA VAL A 349 19.22 11.03 2.32
C VAL A 349 17.90 11.63 1.84
N LEU A 350 16.98 10.76 1.41
CA LEU A 350 15.71 11.15 0.80
C LEU A 350 14.72 11.69 1.82
N ASN A 351 14.67 11.06 3.00
CA ASN A 351 13.96 11.62 4.17
C ASN A 351 14.57 11.05 5.43
N PRO A 352 14.15 11.49 6.63
CA PRO A 352 14.95 10.99 7.77
C PRO A 352 14.76 9.50 8.09
N ARG A 353 14.27 8.73 7.12
CA ARG A 353 13.99 7.30 7.29
C ARG A 353 14.18 6.55 5.99
N THR A 354 14.62 7.25 4.95
CA THR A 354 14.85 6.63 3.66
C THR A 354 16.18 7.07 3.08
N VAL A 355 16.87 6.14 2.43
CA VAL A 355 18.27 6.37 2.06
C VAL A 355 18.71 5.58 0.81
N VAL A 356 19.65 6.17 0.08
CA VAL A 356 20.20 5.51 -1.09
C VAL A 356 21.67 5.21 -0.86
N ILE A 357 22.04 3.95 -1.01
CA ILE A 357 23.40 3.53 -0.75
C ILE A 357 24.07 2.98 -1.99
N LEU A 358 25.40 2.99 -1.97
CA LEU A 358 26.15 2.25 -2.96
C LEU A 358 26.42 0.88 -2.37
N ASP A 359 25.64 -0.11 -2.80
CA ASP A 359 25.61 -1.40 -2.09
C ASP A 359 26.88 -2.26 -2.22
N HIS A 360 26.69 -3.57 -2.24
CA HIS A 360 27.79 -4.54 -2.29
C HIS A 360 27.88 -5.20 -3.67
N LEU A 361 27.22 -4.59 -4.66
CA LEU A 361 27.26 -5.12 -6.04
C LEU A 361 28.26 -4.51 -7.06
N GLY A 362 28.49 -3.20 -7.10
CA GLY A 362 27.83 -2.19 -6.30
C GLY A 362 26.93 -1.27 -7.11
N ASN A 363 25.62 -1.50 -7.01
CA ASN A 363 24.66 -0.62 -7.64
C ASN A 363 24.18 0.41 -6.62
N ASN A 364 23.29 1.29 -7.06
CA ASN A 364 22.57 2.15 -6.13
C ASN A 364 21.35 1.36 -5.68
N ARG A 365 20.96 1.53 -4.42
CA ARG A 365 19.80 0.84 -3.90
C ARG A 365 19.06 1.80 -2.99
N THR A 366 17.74 1.72 -2.96
CA THR A 366 16.93 2.57 -2.08
C THR A 366 16.30 1.74 -0.97
N VAL A 367 16.71 1.99 0.27
CA VAL A 367 16.34 1.12 1.38
C VAL A 367 15.68 1.92 2.49
N SER A 368 14.93 1.23 3.36
CA SER A 368 14.37 1.88 4.52
C SER A 368 15.41 1.75 5.64
N ILE A 369 15.52 2.74 6.53
CA ILE A 369 16.55 2.69 7.57
C ILE A 369 16.37 1.53 8.54
N ASP A 370 15.20 0.88 8.48
CA ASP A 370 14.91 -0.31 9.27
C ASP A 370 15.65 -1.57 8.78
N ASN A 371 16.34 -1.47 7.64
CA ASN A 371 17.23 -2.52 7.20
C ASN A 371 18.67 -2.02 7.11
N LEU A 372 18.97 -0.97 7.87
CA LEU A 372 20.32 -0.48 8.00
C LEU A 372 20.73 -0.41 9.45
N LYS A 373 22.04 -0.43 9.67
CA LYS A 373 22.59 -0.19 11.01
C LYS A 373 23.87 0.64 10.90
N PRO A 374 24.08 1.58 11.84
CA PRO A 374 25.31 2.36 11.78
C PRO A 374 26.47 1.43 12.07
N THR A 375 27.52 1.51 11.28
CA THR A 375 28.69 0.71 11.56
C THR A 375 29.34 1.22 12.86
N SER A 376 29.63 0.31 13.78
CA SER A 376 30.21 0.72 15.06
C SER A 376 31.70 1.02 14.90
N HIS A 377 32.19 2.01 15.63
CA HIS A 377 33.59 2.48 15.55
C HIS A 377 33.93 3.35 14.29
N ASP B 119 -41.17 17.15 -3.59
CA ASP B 119 -40.81 17.22 -2.18
C ASP B 119 -39.29 17.46 -1.99
N ARG B 120 -38.62 16.56 -1.26
CA ARG B 120 -37.16 16.57 -1.10
C ARG B 120 -36.40 16.46 -2.44
N PRO B 121 -35.23 17.14 -2.57
CA PRO B 121 -34.39 17.14 -3.78
C PRO B 121 -33.91 15.75 -4.28
N GLN B 122 -33.77 15.57 -5.59
CA GLN B 122 -33.27 14.31 -6.14
C GLN B 122 -31.80 14.08 -5.80
N LYS B 123 -31.39 12.83 -5.64
CA LYS B 123 -30.03 12.49 -5.22
C LYS B 123 -29.46 11.26 -5.94
N PRO B 124 -28.15 11.01 -5.78
CA PRO B 124 -27.67 9.75 -6.34
C PRO B 124 -28.25 8.57 -5.56
N PHE B 125 -28.09 7.38 -6.12
CA PHE B 125 -28.56 6.16 -5.47
C PHE B 125 -30.08 6.16 -5.17
N ASP B 126 -30.79 7.10 -5.77
CA ASP B 126 -32.23 7.23 -5.59
C ASP B 126 -33.02 6.35 -6.53
N LYS B 127 -32.46 6.13 -7.71
CA LYS B 127 -33.17 5.43 -8.76
C LYS B 127 -32.21 5.24 -9.92
N PHE B 128 -32.09 4.00 -10.38
CA PHE B 128 -31.25 3.67 -11.51
C PHE B 128 -32.16 3.24 -12.63
N PHE B 129 -31.80 3.55 -13.88
CA PHE B 129 -32.56 3.10 -15.08
C PHE B 129 -31.73 2.08 -15.89
N ILE B 130 -32.38 1.00 -16.34
CA ILE B 130 -31.68 -0.15 -16.96
C ILE B 130 -32.43 -0.72 -18.16
N ASP B 131 -31.70 -1.21 -19.16
CA ASP B 131 -32.34 -1.64 -20.42
C ASP B 131 -31.30 -2.36 -21.27
N TYR B 132 -31.75 -3.16 -22.23
CA TYR B 132 -30.82 -3.94 -23.05
C TYR B 132 -30.66 -3.41 -24.47
N ILE B 133 -29.42 -3.50 -24.95
CA ILE B 133 -29.05 -3.11 -26.32
C ILE B 133 -28.47 -4.33 -27.04
N GLY B 134 -29.00 -4.63 -28.22
CA GLY B 134 -28.56 -5.78 -28.99
C GLY B 134 -29.70 -6.55 -29.64
N PRO B 135 -29.37 -7.58 -30.44
CA PRO B 135 -28.06 -8.18 -30.64
C PRO B 135 -27.09 -7.27 -31.40
N LEU B 136 -25.84 -7.68 -31.44
CA LEU B 136 -24.77 -6.88 -32.01
C LEU B 136 -23.84 -7.85 -32.70
N PRO B 137 -22.76 -7.35 -33.33
CA PRO B 137 -21.81 -8.30 -33.92
C PRO B 137 -21.04 -9.06 -32.87
N PRO B 138 -20.92 -10.39 -33.04
CA PRO B 138 -20.24 -11.31 -32.12
C PRO B 138 -18.85 -10.83 -31.67
N SER B 139 -18.81 -9.79 -30.84
CA SER B 139 -17.56 -9.27 -30.29
C SER B 139 -17.06 -10.14 -29.14
N GLN B 140 -16.04 -10.94 -29.39
CA GLN B 140 -15.41 -11.75 -28.35
C GLN B 140 -16.38 -12.71 -27.64
N GLY B 141 -17.48 -13.02 -28.31
CA GLY B 141 -18.42 -14.01 -27.81
C GLY B 141 -19.66 -13.45 -27.11
N TYR B 142 -19.87 -12.14 -27.22
CA TYR B 142 -20.99 -11.48 -26.55
C TYR B 142 -21.81 -10.79 -27.62
N LEU B 143 -23.07 -10.48 -27.32
CA LEU B 143 -23.95 -9.89 -28.32
C LEU B 143 -24.73 -8.69 -27.79
N TYR B 144 -24.72 -8.48 -26.48
CA TYR B 144 -25.58 -7.45 -25.90
C TYR B 144 -24.87 -6.54 -24.91
N VAL B 145 -25.56 -5.50 -24.47
CA VAL B 145 -25.06 -4.61 -23.42
C VAL B 145 -26.17 -4.18 -22.45
N LEU B 146 -25.84 -4.19 -21.16
CA LEU B 146 -26.77 -3.73 -20.13
C LEU B 146 -26.49 -2.28 -19.71
N VAL B 147 -27.36 -1.37 -20.09
CA VAL B 147 -27.11 0.03 -19.77
C VAL B 147 -27.66 0.38 -18.41
N VAL B 148 -26.79 0.87 -17.53
CA VAL B 148 -27.22 1.36 -16.22
C VAL B 148 -26.90 2.85 -16.11
N VAL B 149 -27.89 3.65 -15.73
CA VAL B 149 -27.71 5.10 -15.64
C VAL B 149 -28.35 5.68 -14.41
N ASP B 150 -27.56 6.27 -13.52
CA ASP B 150 -28.13 6.95 -12.35
C ASP B 150 -28.90 8.21 -12.76
N GLY B 151 -30.08 8.38 -12.19
CA GLY B 151 -31.01 9.39 -12.66
C GLY B 151 -30.71 10.84 -12.34
N MET B 152 -29.86 11.09 -11.35
CA MET B 152 -29.55 12.46 -10.91
C MET B 152 -28.18 12.85 -11.41
N THR B 153 -27.33 11.86 -11.62
CA THR B 153 -25.96 12.16 -11.99
C THR B 153 -25.76 11.95 -13.47
N GLY B 154 -26.58 11.08 -14.06
CA GLY B 154 -26.36 10.62 -15.42
C GLY B 154 -25.17 9.68 -15.55
N PHE B 155 -24.56 9.32 -14.41
CA PHE B 155 -23.43 8.41 -14.38
C PHE B 155 -23.85 7.08 -15.00
N THR B 156 -22.90 6.39 -15.63
CA THR B 156 -23.24 5.26 -16.48
C THR B 156 -22.27 4.08 -16.39
N TRP B 157 -22.84 2.90 -16.14
CA TRP B 157 -22.10 1.63 -16.17
C TRP B 157 -22.53 0.78 -17.35
N LEU B 158 -21.59 0.13 -18.01
CA LEU B 158 -21.96 -0.73 -19.12
C LEU B 158 -21.35 -2.11 -18.95
N TYR B 159 -22.20 -3.12 -18.91
CA TYR B 159 -21.78 -4.51 -18.80
C TYR B 159 -22.22 -5.30 -20.03
N PRO B 160 -21.27 -5.91 -20.74
CA PRO B 160 -21.63 -6.69 -21.93
C PRO B 160 -22.24 -8.01 -21.48
N THR B 161 -23.14 -8.60 -22.27
CA THR B 161 -23.63 -9.97 -22.00
C THR B 161 -23.81 -10.82 -23.27
N LYS B 162 -24.03 -12.13 -23.11
CA LYS B 162 -24.31 -12.99 -24.25
C LYS B 162 -25.81 -13.32 -24.39
N ALA B 163 -26.64 -12.59 -23.65
CA ALA B 163 -28.08 -12.86 -23.65
C ALA B 163 -28.82 -11.73 -22.96
N PRO B 164 -30.04 -11.42 -23.42
CA PRO B 164 -30.95 -10.50 -22.71
C PRO B 164 -31.81 -11.30 -21.72
N SER B 165 -31.15 -12.08 -20.87
CA SER B 165 -31.84 -12.98 -19.93
C SER B 165 -31.78 -12.48 -18.50
N THR B 166 -32.56 -13.12 -17.61
CA THR B 166 -32.52 -12.80 -16.18
C THR B 166 -31.18 -13.23 -15.60
N SER B 167 -30.59 -14.28 -16.15
CA SER B 167 -29.30 -14.79 -15.68
C SER B 167 -28.24 -13.70 -15.71
N ALA B 168 -28.11 -13.06 -16.87
CA ALA B 168 -26.99 -12.17 -17.09
C ALA B 168 -27.19 -10.85 -16.34
N THR B 169 -28.44 -10.57 -15.98
CA THR B 169 -28.77 -9.31 -15.34
C THR B 169 -28.32 -9.29 -13.87
N VAL B 170 -28.75 -10.32 -13.14
CA VAL B 170 -28.34 -10.54 -11.77
C VAL B 170 -26.82 -10.60 -11.66
N LYS B 171 -26.16 -11.35 -12.56
CA LYS B 171 -24.70 -11.45 -12.51
C LYS B 171 -24.02 -10.08 -12.55
N SER B 172 -24.35 -9.29 -13.57
CA SER B 172 -23.83 -7.94 -13.68
C SER B 172 -24.21 -7.10 -12.49
N LEU B 173 -25.49 -7.16 -12.10
CA LEU B 173 -25.99 -6.22 -11.10
C LEU B 173 -25.46 -6.52 -9.70
N ASN B 174 -25.12 -7.78 -9.47
CA ASN B 174 -24.43 -8.13 -8.24
C ASN B 174 -23.10 -7.38 -8.13
N VAL B 175 -22.35 -7.36 -9.22
CA VAL B 175 -21.13 -6.56 -9.30
C VAL B 175 -21.40 -5.11 -8.94
N LEU B 176 -22.42 -4.53 -9.54
CA LEU B 176 -22.71 -3.11 -9.31
C LEU B 176 -23.21 -2.79 -7.88
N THR B 177 -24.09 -3.64 -7.36
CA THR B 177 -24.69 -3.42 -6.04
C THR B 177 -23.84 -3.91 -4.87
N SER B 178 -22.57 -4.23 -5.17
CA SER B 178 -21.59 -4.52 -4.15
C SER B 178 -20.69 -3.28 -4.03
N ILE B 179 -21.04 -2.26 -4.82
CA ILE B 179 -20.39 -0.97 -4.77
C ILE B 179 -21.32 0.03 -4.07
N ALA B 180 -22.46 0.30 -4.71
CA ALA B 180 -23.57 1.00 -4.08
C ALA B 180 -24.92 0.39 -4.44
N ILE B 181 -25.98 0.79 -3.72
CA ILE B 181 -27.30 0.19 -3.90
C ILE B 181 -28.38 1.23 -4.11
N PRO B 182 -29.14 1.10 -5.21
CA PRO B 182 -30.22 2.05 -5.54
C PRO B 182 -31.47 1.80 -4.69
N LYS B 183 -32.29 2.82 -4.55
CA LYS B 183 -33.57 2.68 -3.89
C LYS B 183 -34.57 2.01 -4.82
N VAL B 184 -34.47 2.31 -6.10
CA VAL B 184 -35.45 1.91 -7.10
C VAL B 184 -34.75 1.51 -8.38
N ILE B 185 -35.30 0.51 -9.06
CA ILE B 185 -34.95 0.28 -10.44
C ILE B 185 -36.17 0.59 -11.33
N HIS B 186 -35.92 1.19 -12.50
CA HIS B 186 -36.94 1.42 -13.50
C HIS B 186 -36.51 0.72 -14.80
N SER B 187 -37.48 0.17 -15.53
CA SER B 187 -37.18 -0.52 -16.79
C SER B 187 -38.45 -0.82 -17.60
N ASP B 188 -38.28 -1.16 -18.88
CA ASP B 188 -39.41 -1.53 -19.70
C ASP B 188 -39.95 -2.87 -19.22
N GLN B 189 -40.95 -3.39 -19.91
CA GLN B 189 -41.50 -4.68 -19.52
C GLN B 189 -40.86 -5.81 -20.31
N GLY B 190 -39.58 -5.66 -20.62
CA GLY B 190 -38.82 -6.72 -21.25
C GLY B 190 -38.82 -7.95 -20.36
N ALA B 191 -38.65 -9.13 -20.95
CA ALA B 191 -38.74 -10.39 -20.23
C ALA B 191 -37.92 -10.43 -18.94
N ALA B 192 -36.65 -10.04 -19.07
CA ALA B 192 -35.68 -10.21 -18.00
C ALA B 192 -36.05 -9.52 -16.70
N PHE B 193 -36.74 -8.39 -16.80
CA PHE B 193 -37.08 -7.56 -15.63
C PHE B 193 -38.43 -7.94 -14.97
N THR B 194 -39.29 -8.55 -15.76
CA THR B 194 -40.64 -8.88 -15.32
C THR B 194 -40.76 -10.33 -14.85
N SER B 195 -39.70 -11.11 -14.99
CA SER B 195 -39.69 -12.49 -14.49
C SER B 195 -39.83 -12.47 -12.97
N SER B 196 -40.35 -13.55 -12.39
CA SER B 196 -40.42 -13.60 -10.93
C SER B 196 -39.05 -13.94 -10.28
N THR B 197 -38.08 -14.40 -11.06
CA THR B 197 -36.72 -14.59 -10.53
C THR B 197 -36.06 -13.25 -10.16
N PHE B 198 -36.07 -12.32 -11.11
CA PHE B 198 -35.57 -10.96 -10.90
C PHE B 198 -36.41 -10.25 -9.86
N ALA B 199 -37.64 -10.70 -9.67
CA ALA B 199 -38.51 -10.09 -8.66
C ALA B 199 -37.95 -10.35 -7.27
N GLU B 200 -37.54 -11.60 -7.01
CA GLU B 200 -37.12 -12.02 -5.69
C GLU B 200 -35.70 -11.53 -5.39
N TRP B 201 -34.98 -11.18 -6.44
CA TRP B 201 -33.64 -10.63 -6.30
C TRP B 201 -33.73 -9.19 -5.82
N ALA B 202 -34.69 -8.44 -6.35
CA ALA B 202 -34.83 -7.04 -6.00
C ALA B 202 -35.35 -6.84 -4.57
N LYS B 203 -36.11 -7.81 -4.08
CA LYS B 203 -36.68 -7.75 -2.73
C LYS B 203 -35.68 -8.17 -1.64
N GLU B 204 -34.73 -9.04 -1.99
CA GLU B 204 -33.70 -9.49 -1.04
C GLU B 204 -32.82 -8.33 -0.58
N ARG B 205 -32.64 -7.36 -1.47
CA ARG B 205 -31.68 -6.29 -1.28
C ARG B 205 -32.36 -4.96 -0.96
N GLY B 206 -33.69 -4.99 -0.89
CA GLY B 206 -34.46 -3.81 -0.54
C GLY B 206 -34.70 -2.85 -1.69
N ILE B 207 -34.67 -3.37 -2.93
CA ILE B 207 -34.88 -2.53 -4.09
C ILE B 207 -36.32 -2.54 -4.57
N HIS B 208 -36.96 -1.37 -4.59
CA HIS B 208 -38.32 -1.24 -5.09
C HIS B 208 -38.32 -1.22 -6.61
N LEU B 209 -39.24 -1.95 -7.23
CA LEU B 209 -39.27 -2.02 -8.69
C LEU B 209 -40.37 -1.17 -9.33
N GLU B 210 -40.03 -0.56 -10.46
CA GLU B 210 -40.90 0.34 -11.19
C GLU B 210 -40.86 -0.01 -12.66
N PHE B 211 -42.03 -0.06 -13.30
CA PHE B 211 -42.11 -0.37 -14.72
C PHE B 211 -42.85 0.70 -15.50
N SER B 212 -42.40 0.94 -16.73
CA SER B 212 -43.12 1.81 -17.65
C SER B 212 -44.36 1.08 -18.11
N THR B 213 -45.23 1.76 -18.85
CA THR B 213 -46.40 1.12 -19.43
C THR B 213 -46.03 0.61 -20.80
N PRO B 214 -46.61 -0.52 -21.22
CA PRO B 214 -46.23 -1.13 -22.50
C PRO B 214 -46.35 -0.19 -23.69
N TYR B 215 -45.27 -0.14 -24.48
CA TYR B 215 -45.18 0.61 -25.72
C TYR B 215 -45.11 2.14 -25.56
N HIS B 216 -44.96 2.60 -24.31
CA HIS B 216 -44.79 4.03 -24.04
C HIS B 216 -43.64 4.27 -23.04
N PRO B 217 -42.38 4.21 -23.54
CA PRO B 217 -41.16 4.28 -22.71
C PRO B 217 -41.09 5.59 -21.93
N GLN B 218 -40.64 5.55 -20.69
CA GLN B 218 -40.60 6.76 -19.86
C GLN B 218 -39.48 6.74 -18.85
N SER B 219 -38.62 7.77 -18.91
CA SER B 219 -37.57 7.96 -17.93
C SER B 219 -37.62 9.40 -17.41
N SER B 220 -36.78 10.26 -17.96
CA SER B 220 -36.81 11.68 -17.66
C SER B 220 -36.17 12.41 -18.82
N GLY B 221 -36.09 13.73 -18.75
CA GLY B 221 -35.32 14.48 -19.74
C GLY B 221 -33.90 13.95 -19.78
N LYS B 222 -33.23 14.05 -18.64
CA LYS B 222 -31.81 13.72 -18.48
C LYS B 222 -31.41 12.32 -18.97
N VAL B 223 -32.23 11.31 -18.68
CA VAL B 223 -31.89 9.92 -18.99
C VAL B 223 -32.15 9.58 -20.46
N GLU B 224 -33.27 10.09 -20.99
CA GLU B 224 -33.65 9.90 -22.40
C GLU B 224 -32.51 10.31 -23.33
N ARG B 225 -31.90 11.46 -23.05
CA ARG B 225 -30.76 11.97 -23.82
C ARG B 225 -29.47 11.14 -23.63
N LYS B 226 -29.09 10.90 -22.37
CA LYS B 226 -27.95 10.07 -22.08
C LYS B 226 -28.11 8.75 -22.81
N ASN B 227 -29.22 8.06 -22.56
CA ASN B 227 -29.49 6.78 -23.20
C ASN B 227 -29.32 6.84 -24.72
N SER B 228 -29.66 8.00 -25.27
CA SER B 228 -29.53 8.26 -26.68
C SER B 228 -28.06 8.24 -27.13
N ASP B 229 -27.23 9.05 -26.47
CA ASP B 229 -25.77 9.11 -26.77
C ASP B 229 -25.12 7.74 -26.76
N ILE B 230 -25.33 7.02 -25.66
CA ILE B 230 -24.82 5.67 -25.48
C ILE B 230 -25.19 4.90 -26.72
N LYS B 231 -26.45 4.99 -27.10
CA LYS B 231 -26.92 4.37 -28.33
C LYS B 231 -26.16 4.91 -29.56
N ARG B 232 -25.81 6.20 -29.57
CA ARG B 232 -25.08 6.76 -30.73
C ARG B 232 -23.57 6.46 -30.73
N LEU B 233 -22.88 6.78 -29.62
CA LEU B 233 -21.43 6.45 -29.48
C LEU B 233 -21.12 4.98 -29.70
N LEU B 234 -22.00 4.12 -29.20
CA LEU B 234 -21.91 2.69 -29.39
C LEU B 234 -21.98 2.33 -30.87
N THR B 235 -23.04 2.75 -31.53
CA THR B 235 -23.19 2.48 -32.96
C THR B 235 -22.03 3.06 -33.80
N LYS B 236 -21.43 4.16 -33.34
CA LYS B 236 -20.26 4.77 -34.01
C LYS B 236 -19.02 3.87 -34.04
N LEU B 237 -18.66 3.27 -32.90
CA LEU B 237 -17.58 2.27 -32.88
C LEU B 237 -18.00 1.04 -33.63
N LEU B 238 -19.30 0.92 -33.87
CA LEU B 238 -19.81 -0.16 -34.69
C LEU B 238 -19.64 0.22 -36.17
N VAL B 239 -19.13 1.43 -36.40
CA VAL B 239 -18.73 1.83 -37.74
C VAL B 239 -17.21 1.79 -37.87
N GLY B 240 -16.55 2.59 -37.03
CA GLY B 240 -15.09 2.69 -37.01
C GLY B 240 -14.31 1.41 -36.70
N ARG B 241 -14.65 0.76 -35.59
CA ARG B 241 -14.04 -0.51 -35.23
C ARG B 241 -15.11 -1.58 -35.01
N PRO B 242 -15.86 -1.89 -36.08
CA PRO B 242 -17.15 -2.57 -36.05
C PRO B 242 -17.17 -4.05 -35.63
N THR B 243 -16.02 -4.73 -35.56
CA THR B 243 -16.05 -6.15 -35.20
C THR B 243 -15.80 -6.47 -33.72
N LYS B 244 -14.76 -5.86 -33.14
CA LYS B 244 -14.40 -6.14 -31.76
C LYS B 244 -14.74 -4.98 -30.83
N TRP B 245 -15.97 -4.94 -30.31
CA TRP B 245 -16.41 -3.85 -29.43
C TRP B 245 -16.22 -4.12 -27.94
N TYR B 246 -16.07 -5.40 -27.59
CA TYR B 246 -15.99 -5.76 -26.19
C TYR B 246 -14.85 -5.01 -25.51
N ASP B 247 -13.72 -4.92 -26.20
CA ASP B 247 -12.52 -4.26 -25.68
C ASP B 247 -12.73 -2.76 -25.44
N LEU B 248 -13.65 -2.16 -26.17
CA LEU B 248 -13.74 -0.72 -26.22
C LEU B 248 -14.68 -0.10 -25.20
N LEU B 249 -15.43 -0.94 -24.50
CA LEU B 249 -16.44 -0.46 -23.53
C LEU B 249 -15.84 0.47 -22.49
N PRO B 250 -14.80 0.02 -21.76
CA PRO B 250 -14.29 0.91 -20.70
C PRO B 250 -13.95 2.32 -21.20
N VAL B 251 -13.55 2.44 -22.46
CA VAL B 251 -13.23 3.74 -22.99
C VAL B 251 -14.50 4.57 -23.14
N VAL B 252 -15.58 3.88 -23.52
CA VAL B 252 -16.87 4.53 -23.73
C VAL B 252 -17.47 5.06 -22.43
N GLN B 253 -17.42 4.22 -21.39
CA GLN B 253 -17.97 4.54 -20.05
C GLN B 253 -17.30 5.77 -19.45
N LEU B 254 -15.98 5.84 -19.62
CA LEU B 254 -15.18 6.98 -19.19
C LEU B 254 -15.64 8.22 -19.94
N ALA B 255 -15.78 8.06 -21.25
CA ALA B 255 -16.25 9.12 -22.12
C ALA B 255 -17.61 9.64 -21.66
N LEU B 256 -18.55 8.73 -21.41
CA LEU B 256 -19.90 9.12 -21.01
C LEU B 256 -19.97 9.75 -19.65
N ASN B 257 -19.06 9.37 -18.76
CA ASN B 257 -19.09 9.87 -17.38
C ASN B 257 -18.31 11.16 -17.18
N ASN B 258 -17.64 11.62 -18.23
CA ASN B 258 -16.85 12.86 -18.19
C ASN B 258 -17.34 13.85 -19.22
N THR B 259 -18.38 13.45 -19.94
CA THR B 259 -19.04 14.31 -20.90
C THR B 259 -19.93 15.28 -20.15
N TYR B 260 -19.78 16.56 -20.46
CA TYR B 260 -20.43 17.60 -19.69
C TYR B 260 -21.93 17.64 -20.01
N SER B 261 -22.75 17.91 -18.99
CA SER B 261 -24.20 18.09 -19.18
C SER B 261 -24.57 19.55 -19.42
N PRO B 262 -25.33 19.82 -20.48
CA PRO B 262 -25.87 21.16 -20.76
C PRO B 262 -26.73 21.74 -19.63
N VAL B 263 -27.72 20.99 -19.13
CA VAL B 263 -28.68 21.53 -18.17
C VAL B 263 -28.06 21.92 -16.82
N LEU B 264 -27.33 20.99 -16.19
CA LEU B 264 -26.52 21.29 -15.00
C LEU B 264 -25.12 21.69 -15.46
N LYS B 265 -24.31 22.28 -14.60
CA LYS B 265 -23.01 22.77 -15.07
C LYS B 265 -21.79 21.94 -14.59
N TYR B 266 -21.95 20.61 -14.53
CA TYR B 266 -20.88 19.71 -14.10
C TYR B 266 -20.99 18.36 -14.82
N THR B 267 -20.00 17.49 -14.68
CA THR B 267 -20.05 16.16 -15.30
C THR B 267 -20.58 15.12 -14.33
N PRO B 268 -21.06 13.97 -14.85
CA PRO B 268 -21.49 12.89 -13.95
C PRO B 268 -20.41 12.51 -12.92
N HIS B 269 -19.18 12.32 -13.39
CA HIS B 269 -18.03 12.14 -12.50
C HIS B 269 -18.02 13.25 -11.45
N GLN B 270 -18.26 14.49 -11.84
CA GLN B 270 -18.22 15.59 -10.85
C GLN B 270 -19.37 15.55 -9.82
N LEU B 271 -20.55 15.11 -10.26
CA LEU B 271 -21.74 15.06 -9.41
C LEU B 271 -21.71 13.86 -8.47
N LEU B 272 -20.99 12.82 -8.91
CA LEU B 272 -20.87 11.59 -8.15
C LEU B 272 -19.81 11.67 -7.04
N PHE B 273 -18.57 12.07 -7.39
CA PHE B 273 -17.44 12.17 -6.44
C PHE B 273 -17.11 13.57 -5.90
N GLY B 274 -17.86 14.58 -6.31
CA GLY B 274 -17.56 15.94 -5.91
C GLY B 274 -16.16 16.44 -6.23
N ILE B 275 -15.57 15.90 -7.29
CA ILE B 275 -14.21 16.28 -7.71
C ILE B 275 -14.04 16.31 -9.23
N ASP B 276 -12.97 16.94 -9.70
CA ASP B 276 -12.60 16.90 -11.12
C ASP B 276 -12.22 15.48 -11.52
N SER B 277 -11.88 15.32 -12.79
CA SER B 277 -11.44 14.02 -13.25
C SER B 277 -9.97 14.08 -13.59
N ASN B 278 -9.37 12.91 -13.79
CA ASN B 278 -8.00 12.81 -14.30
C ASN B 278 -8.07 12.37 -15.74
N THR B 279 -9.30 12.13 -16.19
CA THR B 279 -9.56 11.95 -17.61
C THR B 279 -10.61 12.98 -18.04
N PRO B 280 -10.15 14.21 -18.37
CA PRO B 280 -11.04 15.23 -18.93
C PRO B 280 -11.31 14.92 -20.39
N PHE B 281 -12.50 15.25 -20.86
CA PHE B 281 -12.87 14.98 -22.24
C PHE B 281 -13.56 16.18 -22.88
ZN ZN F . 35.90 -10.29 15.98
MN MN G . 0.60 -8.23 1.96
MN MN H . 2.62 -8.11 -1.34
MN MN I . -35.39 -3.12 -23.68
S SO4 J . -28.82 16.94 -19.77
O1 SO4 J . -28.07 16.19 -18.77
O2 SO4 J . -28.26 18.29 -19.81
O3 SO4 J . -28.70 16.32 -21.10
O4 SO4 J . -30.23 17.00 -19.38
C1 PGE K . 4.15 -19.94 9.25
O1 PGE K . 3.56 -19.71 10.53
C2 PGE K . 5.66 -19.58 9.30
O2 PGE K . 6.28 -19.87 8.03
C3 PGE K . 7.72 -19.78 7.96
C4 PGE K . 8.33 -20.66 9.05
O4 PGE K . 12.51 -18.17 8.42
C6 PGE K . 11.88 -19.45 8.52
C5 PGE K . 10.39 -19.30 8.88
O3 PGE K . 9.76 -20.60 8.99
#